data_3ZRH
#
_entry.id   3ZRH
#
_cell.length_a   60.400
_cell.length_b   72.150
_cell.length_c   133.010
_cell.angle_alpha   90.00
_cell.angle_beta   90.00
_cell.angle_gamma   90.00
#
_symmetry.space_group_name_H-M   'P 21 21 21'
#
loop_
_entity.id
_entity.type
_entity.pdbx_description
1 polymer 'UBIQUITIN THIOESTERASE ZRANB1'
2 non-polymer 1,2-ETHANEDIOL
3 non-polymer 'CHLORIDE ION'
4 water water
#
_entity_poly.entity_id   1
_entity_poly.type   'polypeptide(L)'
_entity_poly.pdbx_seq_one_letter_code
;ALEVDFKKLKQIKNRMKKTDWLFLNACVGVVEGDLAAIEAYKSSGGDIARQLTADEVRLLNRPSAFDVGYTLVHLAIRFQ
RQDMLAILLTEVSQQAAKCIPAMVCPELTEQIRREIAASLHQRKGDFACYFLTDLVTFTLPADIEDLPPTVQEKLFDEVL
DRDVQKELEEESPIINWSLELATRLDSRLYALWNRTAGDCLLDSVLQATWGIYDKDSVLRKALHDSLHDCSHWFYTRWKD
WESWYSQSFGLHFSLREEQWQEDWAFILSLASQPGASLEQTHIFVLAHILRRPIIVYGVKYYKSFRGETLGYTRFQGVYL
PLLWEQSFCWKSPIALGYTRGHFSALVAMENDGYGNRGAGANLNTDDDVTITFLPLVDSERKLLHVHFLSAQELGNEEQQ
EKLLREWLDCCVTEGGVLVAMQKSSRRRNHPLVTQMVEKWLDRYRQIRPCTSLS
;
_entity_poly.pdbx_strand_id   A
#
loop_
_chem_comp.id
_chem_comp.type
_chem_comp.name
_chem_comp.formula
CL non-polymer 'CHLORIDE ION' 'Cl -1'
EDO non-polymer 1,2-ETHANEDIOL 'C2 H6 O2'
#
# COMPACT_ATOMS: atom_id res chain seq x y z
N LEU A 2 -36.87 4.24 32.89
CA LEU A 2 -37.65 5.47 32.76
C LEU A 2 -37.28 6.50 33.83
N GLU A 3 -36.95 6.02 35.02
CA GLU A 3 -36.52 6.87 36.13
C GLU A 3 -35.04 7.21 35.98
N VAL A 4 -34.77 8.27 35.22
CA VAL A 4 -33.42 8.78 35.09
C VAL A 4 -33.34 10.15 35.72
N ASP A 5 -32.31 10.35 36.55
CA ASP A 5 -32.01 11.67 37.07
C ASP A 5 -31.61 12.54 35.87
N PHE A 6 -32.57 13.31 35.34
CA PHE A 6 -32.32 14.11 34.13
C PHE A 6 -31.20 15.17 34.30
N LYS A 7 -31.10 15.75 35.49
CA LYS A 7 -30.03 16.71 35.76
C LYS A 7 -28.68 16.02 35.54
N LYS A 8 -28.48 14.89 36.22
CA LYS A 8 -27.24 14.13 36.10
C LYS A 8 -26.93 13.83 34.63
N LEU A 9 -27.89 13.21 33.93
CA LEU A 9 -27.72 12.87 32.51
C LEU A 9 -27.19 14.08 31.70
N LYS A 10 -27.93 15.20 31.76
CA LYS A 10 -27.54 16.44 31.10
C LYS A 10 -26.08 16.82 31.30
N GLN A 11 -25.61 16.75 32.55
CA GLN A 11 -24.23 17.10 32.85
C GLN A 11 -23.29 16.13 32.13
N ILE A 12 -23.70 14.85 32.05
CA ILE A 12 -22.85 13.86 31.42
C ILE A 12 -22.74 14.11 29.91
N LYS A 13 -23.86 14.08 29.21
CA LYS A 13 -23.91 14.41 27.78
C LYS A 13 -23.03 15.62 27.39
N ASN A 14 -23.13 16.70 28.18
CA ASN A 14 -22.33 17.90 27.99
C ASN A 14 -20.84 17.65 27.75
N ARG A 15 -20.24 16.81 28.59
CA ARG A 15 -18.80 16.56 28.51
C ARG A 15 -18.40 15.52 27.46
N MET A 16 -19.29 15.25 26.50
CA MET A 16 -19.04 14.20 25.54
C MET A 16 -18.71 14.69 24.14
N LYS A 17 -17.76 14.03 23.51
CA LYS A 17 -17.37 14.36 22.16
C LYS A 17 -17.69 13.19 21.25
N LYS A 18 -17.48 13.39 19.95
CA LYS A 18 -17.79 12.40 18.95
C LYS A 18 -17.27 11.02 19.35
N THR A 19 -16.01 10.94 19.76
CA THR A 19 -15.43 9.62 20.00
C THR A 19 -16.09 8.91 21.18
N ASP A 20 -16.48 9.64 22.22
CA ASP A 20 -17.38 9.08 23.24
C ASP A 20 -18.67 8.50 22.65
N TRP A 21 -19.33 9.23 21.76
CA TRP A 21 -20.61 8.74 21.26
C TRP A 21 -20.38 7.50 20.44
N LEU A 22 -19.29 7.51 19.66
CA LEU A 22 -18.90 6.35 18.86
C LEU A 22 -18.64 5.15 19.76
N PHE A 23 -17.96 5.38 20.89
CA PHE A 23 -17.79 4.27 21.84
C PHE A 23 -19.11 3.76 22.41
N LEU A 24 -19.92 4.66 22.93
CA LEU A 24 -21.17 4.20 23.51
C LEU A 24 -22.13 3.60 22.46
N ASN A 25 -22.20 4.18 21.27
CA ASN A 25 -22.95 3.53 20.17
C ASN A 25 -22.48 2.11 19.88
N ALA A 26 -21.18 1.88 19.97
CA ALA A 26 -20.62 0.57 19.73
C ALA A 26 -21.05 -0.39 20.85
N CYS A 27 -21.04 0.11 22.08
CA CYS A 27 -21.50 -0.74 23.16
C CYS A 27 -22.92 -1.25 22.92
N VAL A 28 -23.83 -0.37 22.52
CA VAL A 28 -25.18 -0.80 22.16
C VAL A 28 -25.10 -1.71 20.93
N GLY A 29 -24.28 -1.30 19.98
CA GLY A 29 -24.08 -2.05 18.76
C GLY A 29 -23.85 -3.52 19.03
N VAL A 30 -22.91 -3.86 19.91
CA VAL A 30 -22.67 -5.28 20.18
C VAL A 30 -23.84 -5.93 20.90
N VAL A 31 -24.50 -5.21 21.81
CA VAL A 31 -25.70 -5.79 22.40
C VAL A 31 -26.60 -6.23 21.25
N GLU A 32 -26.80 -5.35 20.28
CA GLU A 32 -27.86 -5.47 19.27
C GLU A 32 -27.50 -6.23 17.98
N GLY A 33 -26.21 -6.49 17.76
CA GLY A 33 -25.77 -7.19 16.56
C GLY A 33 -25.56 -6.32 15.33
N ASP A 34 -25.25 -5.05 15.58
CA ASP A 34 -25.11 -4.03 14.53
C ASP A 34 -23.62 -3.85 14.19
N LEU A 35 -23.16 -4.58 13.18
CA LEU A 35 -21.76 -4.53 12.80
C LEU A 35 -21.25 -3.13 12.36
N ALA A 36 -22.11 -2.31 11.77
CA ALA A 36 -21.71 -0.96 11.32
C ALA A 36 -21.29 -0.08 12.51
N ALA A 37 -22.09 -0.13 13.57
CA ALA A 37 -21.81 0.55 14.83
C ALA A 37 -20.42 0.20 15.36
N ILE A 38 -20.02 -1.07 15.21
CA ILE A 38 -18.70 -1.46 15.71
C ILE A 38 -17.57 -1.14 14.73
N GLU A 39 -17.83 -1.32 13.44
CA GLU A 39 -16.88 -0.85 12.43
C GLU A 39 -16.62 0.65 12.59
N ALA A 40 -17.69 1.41 12.74
CA ALA A 40 -17.59 2.85 12.91
C ALA A 40 -16.67 3.21 14.09
N TYR A 41 -16.77 2.47 15.19
CA TYR A 41 -15.88 2.74 16.30
C TYR A 41 -14.48 2.30 15.98
N LYS A 42 -14.36 1.15 15.31
CA LYS A 42 -13.05 0.61 14.94
C LYS A 42 -12.26 1.60 14.07
N SER A 43 -12.90 2.10 13.00
CA SER A 43 -12.26 3.02 12.09
C SER A 43 -12.08 4.44 12.66
N SER A 44 -12.51 4.67 13.89
CA SER A 44 -12.29 5.99 14.48
C SER A 44 -10.89 6.01 15.07
N GLY A 45 -10.34 4.82 15.28
CA GLY A 45 -9.04 4.68 15.91
C GLY A 45 -9.13 4.61 17.43
N GLY A 46 -10.35 4.54 17.95
CA GLY A 46 -10.56 4.50 19.39
C GLY A 46 -10.12 3.19 20.01
N ASP A 47 -9.45 3.32 21.14
CA ASP A 47 -9.00 2.18 21.95
C ASP A 47 -10.10 1.11 22.10
N ILE A 48 -9.84 -0.05 21.52
CA ILE A 48 -10.75 -1.19 21.63
C ILE A 48 -10.71 -1.79 23.03
N ALA A 49 -9.80 -1.27 23.85
CA ALA A 49 -9.65 -1.72 25.23
C ALA A 49 -10.40 -0.82 26.18
N ARG A 50 -10.96 0.25 25.65
CA ARG A 50 -11.62 1.21 26.49
C ARG A 50 -12.67 0.54 27.39
N GLN A 51 -12.67 0.89 28.66
CA GLN A 51 -13.63 0.35 29.60
C GLN A 51 -14.71 1.38 29.99
N LEU A 52 -15.92 0.89 30.16
CA LEU A 52 -17.02 1.74 30.57
C LEU A 52 -16.79 2.34 31.96
N THR A 53 -16.89 3.66 32.04
CA THR A 53 -16.94 4.37 33.32
C THR A 53 -18.33 4.28 33.94
N ALA A 54 -18.45 4.63 35.21
CA ALA A 54 -19.75 4.58 35.88
C ALA A 54 -20.72 5.60 35.26
N ASP A 55 -20.18 6.77 34.89
CA ASP A 55 -21.02 7.77 34.23
C ASP A 55 -21.60 7.23 32.95
N GLU A 56 -20.75 6.65 32.10
CA GLU A 56 -21.25 6.00 30.89
C GLU A 56 -22.30 4.94 31.21
N VAL A 57 -22.07 4.15 32.25
CA VAL A 57 -23.05 3.15 32.62
C VAL A 57 -24.37 3.82 32.99
N ARG A 58 -24.31 4.92 33.73
CA ARG A 58 -25.53 5.68 34.08
C ARG A 58 -26.27 6.11 32.82
N LEU A 59 -25.57 6.81 31.94
CA LEU A 59 -26.12 7.25 30.67
C LEU A 59 -26.75 6.10 29.89
N LEU A 60 -26.10 4.93 29.88
CA LEU A 60 -26.58 3.85 29.03
C LEU A 60 -27.88 3.25 29.57
N ASN A 61 -27.95 3.06 30.88
CA ASN A 61 -29.17 2.61 31.55
C ASN A 61 -29.74 1.26 31.04
N ARG A 62 -28.89 0.27 30.96
CA ARG A 62 -29.33 -1.07 30.62
C ARG A 62 -28.63 -1.98 31.58
N PRO A 63 -29.12 -2.00 32.82
CA PRO A 63 -28.70 -2.86 33.93
C PRO A 63 -28.39 -4.30 33.49
N SER A 64 -29.25 -4.89 32.67
CA SER A 64 -29.02 -6.26 32.23
C SER A 64 -27.71 -6.41 31.45
N ALA A 65 -27.25 -5.31 30.82
CA ALA A 65 -26.16 -5.38 29.82
C ALA A 65 -24.82 -4.76 30.21
N PHE A 66 -24.84 -3.62 30.89
CA PHE A 66 -23.59 -2.86 31.08
C PHE A 66 -23.13 -2.78 32.52
N ASP A 67 -21.82 -2.65 32.71
CA ASP A 67 -21.28 -2.42 34.03
C ASP A 67 -19.93 -1.75 33.94
N VAL A 68 -19.54 -1.07 35.01
CA VAL A 68 -18.24 -0.43 35.06
C VAL A 68 -17.16 -1.43 34.69
N GLY A 69 -16.23 -1.05 33.82
CA GLY A 69 -15.16 -1.98 33.40
C GLY A 69 -15.38 -2.87 32.16
N TYR A 70 -16.62 -3.04 31.74
CA TYR A 70 -16.87 -3.84 30.53
C TYR A 70 -16.25 -3.20 29.30
N THR A 71 -15.65 -4.04 28.47
CA THR A 71 -15.13 -3.59 27.18
C THR A 71 -15.98 -4.13 26.05
N LEU A 72 -15.72 -3.70 24.83
CA LEU A 72 -16.45 -4.24 23.70
C LEU A 72 -16.25 -5.78 23.59
N VAL A 73 -15.06 -6.24 23.92
CA VAL A 73 -14.71 -7.64 23.79
C VAL A 73 -15.47 -8.46 24.81
N HIS A 74 -15.67 -7.92 26.01
CA HIS A 74 -16.44 -8.63 27.02
C HIS A 74 -17.92 -8.66 26.62
N LEU A 75 -18.42 -7.56 26.10
CA LEU A 75 -19.81 -7.51 25.66
C LEU A 75 -20.04 -8.55 24.56
N ALA A 76 -19.04 -8.73 23.71
CA ALA A 76 -19.13 -9.58 22.54
C ALA A 76 -19.16 -11.08 22.92
N ILE A 77 -18.46 -11.43 23.99
CA ILE A 77 -18.53 -12.75 24.58
C ILE A 77 -19.85 -12.94 25.30
N ARG A 78 -20.21 -11.96 26.12
CA ARG A 78 -21.43 -12.07 26.92
C ARG A 78 -22.64 -12.29 26.04
N PHE A 79 -22.76 -11.52 24.97
CA PHE A 79 -23.76 -11.80 23.94
C PHE A 79 -23.04 -12.63 22.87
N GLN A 80 -23.68 -13.06 21.80
CA GLN A 80 -23.02 -14.12 21.03
C GLN A 80 -22.34 -13.71 19.71
N ARG A 81 -21.59 -12.62 19.75
CA ARG A 81 -21.10 -11.99 18.54
C ARG A 81 -19.67 -12.41 18.15
N GLN A 82 -19.53 -13.62 17.65
CA GLN A 82 -18.21 -14.14 17.27
C GLN A 82 -17.57 -13.34 16.11
N ASP A 83 -18.33 -13.14 15.04
CA ASP A 83 -18.00 -12.17 14.01
C ASP A 83 -17.20 -10.99 14.58
N MET A 84 -17.88 -10.25 15.44
CA MET A 84 -17.30 -9.06 16.05
C MET A 84 -16.03 -9.39 16.84
N LEU A 85 -16.05 -10.50 17.56
CA LEU A 85 -14.89 -10.83 18.38
C LEU A 85 -13.61 -10.94 17.55
N ALA A 86 -13.75 -11.58 16.38
CA ALA A 86 -12.62 -11.74 15.48
C ALA A 86 -12.11 -10.37 14.98
N ILE A 87 -13.02 -9.52 14.51
CA ILE A 87 -12.57 -8.17 14.16
C ILE A 87 -11.88 -7.51 15.37
N LEU A 88 -12.53 -7.55 16.53
CA LEU A 88 -12.00 -6.87 17.69
C LEU A 88 -10.55 -7.32 18.04
N LEU A 89 -10.38 -8.64 18.07
CA LEU A 89 -9.11 -9.25 18.51
C LEU A 89 -8.01 -9.07 17.45
N THR A 90 -8.34 -9.15 16.16
CA THR A 90 -7.31 -8.83 15.16
C THR A 90 -6.85 -7.37 15.35
N GLU A 91 -7.82 -6.46 15.51
CA GLU A 91 -7.48 -5.08 15.75
C GLU A 91 -6.54 -4.91 16.94
N VAL A 92 -6.84 -5.59 18.05
CA VAL A 92 -6.03 -5.44 19.24
C VAL A 92 -4.59 -5.99 19.04
N SER A 93 -4.48 -7.15 18.39
CA SER A 93 -3.18 -7.75 18.07
C SER A 93 -2.30 -6.80 17.26
N GLN A 94 -2.87 -6.18 16.23
CA GLN A 94 -2.09 -5.37 15.30
C GLN A 94 -1.66 -4.06 15.98
N GLN A 95 -2.61 -3.46 16.67
CA GLN A 95 -2.40 -2.23 17.42
C GLN A 95 -1.18 -2.36 18.33
N ALA A 96 -0.91 -3.56 18.82
CA ALA A 96 0.21 -3.76 19.74
C ALA A 96 1.48 -4.16 19.02
N ALA A 97 1.37 -4.74 17.83
CA ALA A 97 2.59 -5.07 17.12
C ALA A 97 2.95 -3.98 16.09
N LYS A 98 1.99 -3.17 15.72
CA LYS A 98 2.14 -2.34 14.49
C LYS A 98 1.58 -0.92 14.64
N CYS A 99 2.26 0.07 14.11
CA CYS A 99 1.79 1.43 14.23
C CYS A 99 2.30 2.20 13.02
N ILE A 100 1.47 2.29 12.00
CA ILE A 100 1.90 2.89 10.74
C ILE A 100 1.20 4.24 10.59
N PRO A 101 1.75 5.11 9.74
CA PRO A 101 1.24 6.48 9.65
C PRO A 101 -0.29 6.58 9.48
N ALA A 102 -0.88 5.73 8.66
CA ALA A 102 -2.32 5.80 8.41
C ALA A 102 -3.21 5.44 9.60
N MET A 103 -2.69 4.74 10.60
CA MET A 103 -3.48 4.42 11.78
C MET A 103 -3.47 5.55 12.85
N VAL A 104 -2.48 6.44 12.79
CA VAL A 104 -2.27 7.41 13.88
C VAL A 104 -3.35 8.50 13.99
N CYS A 105 -3.97 8.88 12.88
CA CYS A 105 -5.04 9.87 12.97
C CYS A 105 -6.06 9.66 11.85
N PRO A 106 -7.02 8.74 12.10
CA PRO A 106 -8.03 8.31 11.13
C PRO A 106 -8.77 9.47 10.48
N GLU A 107 -9.00 10.57 11.17
CA GLU A 107 -9.63 11.69 10.47
C GLU A 107 -8.75 12.26 9.36
N LEU A 108 -7.47 12.41 9.64
CA LEU A 108 -6.53 12.90 8.64
C LEU A 108 -6.36 11.86 7.50
N THR A 109 -6.27 10.57 7.81
CA THR A 109 -6.15 9.64 6.69
C THR A 109 -7.41 9.64 5.82
N GLU A 110 -8.57 9.90 6.41
CA GLU A 110 -9.81 10.08 5.64
C GLU A 110 -9.76 11.36 4.74
N GLN A 111 -9.14 12.45 5.22
CA GLN A 111 -8.89 13.62 4.38
C GLN A 111 -7.96 13.28 3.20
N ILE A 112 -6.92 12.50 3.50
CA ILE A 112 -6.02 12.04 2.44
C ILE A 112 -6.79 11.23 1.39
N ARG A 113 -7.64 10.31 1.84
CA ARG A 113 -8.50 9.54 0.92
C ARG A 113 -9.29 10.48 0.03
N ARG A 114 -9.96 11.46 0.63
CA ARG A 114 -10.77 12.41 -0.11
C ARG A 114 -9.96 13.17 -1.15
N GLU A 115 -8.72 13.52 -0.81
CA GLU A 115 -7.85 14.28 -1.70
C GLU A 115 -7.44 13.39 -2.90
N ILE A 116 -7.16 12.11 -2.63
CA ILE A 116 -6.86 11.15 -3.71
C ILE A 116 -8.05 10.96 -4.64
N ALA A 117 -9.23 10.77 -4.07
CA ALA A 117 -10.42 10.68 -4.88
C ALA A 117 -10.57 11.93 -5.80
N ALA A 118 -10.36 13.13 -5.24
CA ALA A 118 -10.57 14.37 -5.99
C ALA A 118 -9.55 14.55 -7.13
N SER A 119 -8.46 13.82 -7.02
CA SER A 119 -7.30 13.91 -7.85
C SER A 119 -7.37 12.87 -8.98
N LEU A 120 -8.41 12.05 -8.94
CA LEU A 120 -8.52 10.86 -9.79
C LEU A 120 -9.59 11.14 -10.87
N HIS A 121 -9.22 11.00 -12.14
CA HIS A 121 -10.15 11.22 -13.26
C HIS A 121 -10.05 10.11 -14.33
N GLN A 122 -11.09 9.97 -15.14
CA GLN A 122 -11.05 9.09 -16.25
C GLN A 122 -10.85 9.89 -17.56
N ARG A 123 -9.77 9.60 -18.28
CA ARG A 123 -9.50 10.25 -19.57
C ARG A 123 -10.69 10.11 -20.52
N LYS A 124 -11.06 11.22 -21.14
CA LYS A 124 -12.05 11.19 -22.23
C LYS A 124 -11.42 10.75 -23.57
N GLY A 125 -12.28 10.37 -24.51
CA GLY A 125 -11.84 9.85 -25.80
C GLY A 125 -11.63 8.33 -25.83
N ASP A 126 -10.72 7.89 -26.69
CA ASP A 126 -10.61 6.49 -27.12
C ASP A 126 -9.89 5.56 -26.13
N PHE A 127 -9.20 6.13 -25.15
CA PHE A 127 -8.46 5.33 -24.21
C PHE A 127 -8.89 5.72 -22.80
N ALA A 128 -9.97 5.14 -22.33
CA ALA A 128 -10.63 5.69 -21.17
C ALA A 128 -10.02 5.22 -19.89
N CYS A 129 -8.72 5.43 -19.72
CA CYS A 129 -8.06 4.91 -18.51
C CYS A 129 -8.11 5.94 -17.38
N TYR A 130 -8.24 5.51 -16.13
CA TYR A 130 -8.12 6.47 -15.02
C TYR A 130 -6.70 7.04 -14.89
N PHE A 131 -6.58 8.20 -14.22
CA PHE A 131 -5.28 8.81 -13.99
C PHE A 131 -5.29 9.79 -12.78
N LEU A 132 -4.18 9.84 -12.08
CA LEU A 132 -3.97 10.78 -10.98
C LEU A 132 -3.38 12.08 -11.54
N THR A 133 -3.48 13.17 -10.77
CA THR A 133 -3.05 14.46 -11.24
C THR A 133 -1.97 15.09 -10.37
N ASP A 134 -1.49 14.32 -9.40
CA ASP A 134 -0.39 14.75 -8.55
CA ASP A 134 -0.41 14.75 -8.52
C ASP A 134 0.71 13.69 -8.53
N LEU A 135 1.96 14.12 -8.45
CA LEU A 135 3.03 13.17 -8.25
C LEU A 135 3.42 13.21 -6.75
N VAL A 136 3.31 12.07 -6.08
CA VAL A 136 3.54 11.98 -4.64
C VAL A 136 4.36 10.72 -4.33
N THR A 137 5.44 10.87 -3.55
CA THR A 137 6.22 9.68 -3.27
C THR A 137 6.67 9.67 -1.84
N PHE A 138 6.60 8.49 -1.26
CA PHE A 138 6.78 8.41 0.15
C PHE A 138 8.23 8.06 0.45
N THR A 139 8.79 8.76 1.40
CA THR A 139 10.09 8.43 1.98
C THR A 139 10.03 8.46 3.51
N LEU A 140 10.73 7.55 4.17
CA LEU A 140 10.84 7.63 5.63
C LEU A 140 11.61 8.92 6.02
N PRO A 141 11.13 9.64 7.05
CA PRO A 141 11.81 10.90 7.46
C PRO A 141 13.18 10.71 8.14
N ALA A 142 14.08 11.61 7.79
CA ALA A 142 15.45 11.55 8.27
C ALA A 142 15.51 11.74 9.77
N ASP A 143 14.45 12.31 10.34
CA ASP A 143 14.38 12.51 11.78
C ASP A 143 14.47 11.21 12.56
N ILE A 144 14.09 10.10 11.94
CA ILE A 144 14.23 8.81 12.60
C ILE A 144 15.64 8.59 13.21
N GLU A 145 16.67 9.04 12.51
CA GLU A 145 18.05 8.83 12.94
C GLU A 145 18.36 9.57 14.23
N ASP A 146 17.52 10.54 14.60
CA ASP A 146 17.74 11.35 15.79
C ASP A 146 17.10 10.70 17.01
N LEU A 147 16.29 9.68 16.80
CA LEU A 147 15.69 8.94 17.92
C LEU A 147 16.71 8.14 18.76
N PRO A 148 16.42 7.93 20.04
CA PRO A 148 17.26 7.02 20.85
C PRO A 148 17.23 5.64 20.19
N PRO A 149 18.35 4.91 20.22
CA PRO A 149 18.48 3.61 19.55
C PRO A 149 17.32 2.63 19.83
N THR A 150 16.88 2.55 21.08
CA THR A 150 15.83 1.61 21.45
C THR A 150 14.48 2.03 20.86
N VAL A 151 14.30 3.34 20.76
CA VAL A 151 13.13 3.91 20.12
C VAL A 151 13.17 3.66 18.62
N GLN A 152 14.33 3.80 17.99
CA GLN A 152 14.40 3.46 16.57
C GLN A 152 13.96 2.02 16.28
N GLU A 153 14.45 1.07 17.08
CA GLU A 153 14.16 -0.32 16.79
C GLU A 153 12.69 -0.55 17.00
N LYS A 154 12.13 0.11 18.00
CA LYS A 154 10.70 -0.02 18.22
C LYS A 154 9.91 0.56 17.00
N LEU A 155 10.39 1.69 16.46
CA LEU A 155 9.73 2.30 15.31
C LEU A 155 9.81 1.37 14.12
N PHE A 156 10.99 0.81 13.90
CA PHE A 156 11.12 -0.10 12.77
C PHE A 156 10.27 -1.39 12.94
N ASP A 157 10.27 -1.96 14.15
CA ASP A 157 9.44 -3.14 14.40
C ASP A 157 8.00 -2.84 13.98
N GLU A 158 7.57 -1.58 14.20
CA GLU A 158 6.15 -1.22 14.09
C GLU A 158 5.76 -0.66 12.73
N VAL A 159 6.73 -0.39 11.86
CA VAL A 159 6.30 0.06 10.54
C VAL A 159 6.78 -0.87 9.41
N LEU A 160 7.85 -1.60 9.66
CA LEU A 160 8.40 -2.45 8.63
C LEU A 160 7.77 -3.87 8.66
N ASP A 161 7.84 -4.56 7.55
CA ASP A 161 7.62 -5.98 7.63
C ASP A 161 9.00 -6.68 7.69
N ARG A 162 9.44 -7.02 8.90
CA ARG A 162 10.76 -7.60 9.11
C ARG A 162 10.97 -8.97 8.40
N ASP A 163 9.90 -9.74 8.29
CA ASP A 163 9.97 -11.03 7.60
C ASP A 163 10.24 -10.83 6.11
N VAL A 164 9.53 -9.87 5.50
CA VAL A 164 9.70 -9.55 4.09
C VAL A 164 11.10 -8.98 3.89
N GLN A 165 11.53 -8.10 4.79
CA GLN A 165 12.87 -7.50 4.70
C GLN A 165 13.92 -8.62 4.67
N LYS A 166 13.77 -9.58 5.56
CA LYS A 166 14.75 -10.66 5.65
C LYS A 166 14.73 -11.55 4.40
N GLU A 167 13.57 -11.81 3.83
CA GLU A 167 13.64 -12.63 2.65
C GLU A 167 14.16 -11.91 1.39
N LEU A 168 13.92 -10.61 1.27
CA LEU A 168 14.40 -9.87 0.10
C LEU A 168 15.88 -9.46 0.20
N GLU A 169 16.39 -9.45 1.42
CA GLU A 169 17.70 -8.85 1.62
C GLU A 169 18.74 -9.83 2.17
N GLU A 170 18.34 -10.77 3.04
CA GLU A 170 19.28 -11.73 3.62
C GLU A 170 19.23 -13.13 2.96
N GLU A 171 18.02 -13.62 2.73
CA GLU A 171 17.82 -14.98 2.22
C GLU A 171 18.21 -15.13 0.76
N SER A 172 18.04 -14.05 0.01
CA SER A 172 18.58 -13.96 -1.35
C SER A 172 18.83 -12.48 -1.62
N PRO A 173 19.68 -12.18 -2.62
CA PRO A 173 20.01 -10.79 -2.92
C PRO A 173 18.99 -10.12 -3.84
N ILE A 174 17.79 -9.87 -3.33
CA ILE A 174 16.75 -9.22 -4.13
C ILE A 174 16.87 -7.71 -4.05
N ILE A 175 17.09 -7.20 -2.82
CA ILE A 175 17.30 -5.76 -2.60
C ILE A 175 18.52 -5.46 -1.73
N ASN A 176 18.99 -4.21 -1.82
CA ASN A 176 20.14 -3.76 -1.02
C ASN A 176 21.34 -4.68 -1.15
N TRP A 177 21.56 -5.23 -2.33
CA TRP A 177 22.68 -6.16 -2.50
C TRP A 177 23.95 -5.38 -2.84
N SER A 178 23.79 -4.12 -3.21
CA SER A 178 24.94 -3.28 -3.53
C SER A 178 25.35 -2.38 -2.36
N LEU A 179 26.57 -2.61 -1.84
CA LEU A 179 27.14 -1.70 -0.84
C LEU A 179 27.10 -0.25 -1.33
N GLU A 180 27.50 -0.06 -2.58
CA GLU A 180 27.46 1.28 -3.19
C GLU A 180 26.06 1.94 -3.10
N LEU A 181 25.00 1.29 -3.55
CA LEU A 181 23.67 1.91 -3.50
C LEU A 181 23.15 2.04 -2.08
N ALA A 182 23.22 0.95 -1.33
CA ALA A 182 22.57 0.88 -0.02
C ALA A 182 23.26 1.75 0.99
N THR A 183 24.58 1.93 0.85
CA THR A 183 25.34 2.58 1.90
C THR A 183 26.07 3.85 1.44
N ARG A 184 26.97 3.76 0.47
CA ARG A 184 27.66 4.96 0.04
C ARG A 184 26.66 6.02 -0.46
N LEU A 185 25.73 5.59 -1.31
CA LEU A 185 24.70 6.48 -1.84
C LEU A 185 23.41 6.51 -1.06
N ASP A 186 23.43 6.08 0.20
CA ASP A 186 22.25 6.20 1.07
C ASP A 186 20.89 5.77 0.52
N SER A 187 20.84 4.77 -0.35
CA SER A 187 19.57 4.36 -0.99
C SER A 187 19.02 3.01 -0.52
N ARG A 188 19.33 2.64 0.71
CA ARG A 188 18.79 1.42 1.30
CA ARG A 188 18.80 1.42 1.30
C ARG A 188 17.25 1.43 1.22
N LEU A 189 16.66 0.31 0.80
CA LEU A 189 15.21 0.21 0.71
C LEU A 189 14.60 -0.51 1.92
N TYR A 190 13.42 -0.08 2.34
CA TYR A 190 12.74 -0.59 3.51
C TYR A 190 11.39 -1.12 3.09
N ALA A 191 11.05 -2.32 3.53
CA ALA A 191 9.76 -2.86 3.16
C ALA A 191 8.70 -2.52 4.20
N LEU A 192 7.73 -1.71 3.79
CA LEU A 192 6.67 -1.31 4.67
C LEU A 192 5.67 -2.46 4.88
N TRP A 193 5.26 -2.61 6.11
CA TRP A 193 4.27 -3.57 6.48
C TRP A 193 2.90 -3.16 5.94
N ASN A 194 2.11 -4.13 5.49
CA ASN A 194 0.69 -3.96 5.21
C ASN A 194 -0.06 -5.26 5.57
N ARG A 195 -1.34 -5.17 5.99
CA ARG A 195 -2.07 -6.36 6.42
C ARG A 195 -2.29 -7.28 5.23
N THR A 196 -2.23 -8.58 5.47
CA THR A 196 -2.23 -9.53 4.38
C THR A 196 -3.62 -9.94 3.92
N ALA A 197 -4.65 -9.29 4.44
CA ALA A 197 -6.02 -9.65 4.11
C ALA A 197 -6.32 -9.49 2.62
N GLY A 198 -5.30 -9.65 1.78
CA GLY A 198 -5.42 -9.47 0.35
C GLY A 198 -5.32 -8.00 0.02
N ASP A 199 -5.31 -7.68 -1.27
CA ASP A 199 -5.25 -6.29 -1.72
C ASP A 199 -3.93 -5.60 -1.37
N CYS A 200 -2.92 -6.44 -1.08
CA CYS A 200 -1.59 -5.97 -0.78
C CYS A 200 -1.02 -5.14 -1.93
N LEU A 201 -1.41 -5.45 -3.16
CA LEU A 201 -0.96 -4.70 -4.31
C LEU A 201 -1.37 -3.23 -4.20
N LEU A 202 -2.66 -3.00 -3.97
CA LEU A 202 -3.23 -1.68 -3.89
C LEU A 202 -2.73 -0.95 -2.64
N ASP A 203 -2.68 -1.66 -1.52
CA ASP A 203 -2.22 -1.04 -0.29
C ASP A 203 -0.75 -0.61 -0.49
N SER A 204 0.01 -1.46 -1.19
CA SER A 204 1.43 -1.21 -1.37
C SER A 204 1.70 0.03 -2.24
N VAL A 205 0.99 0.15 -3.37
CA VAL A 205 1.13 1.29 -4.25
C VAL A 205 0.77 2.58 -3.51
N LEU A 206 -0.30 2.55 -2.70
CA LEU A 206 -0.72 3.76 -1.98
C LEU A 206 0.25 4.10 -0.86
N GLN A 207 0.84 3.07 -0.25
CA GLN A 207 1.82 3.32 0.80
C GLN A 207 3.08 3.89 0.22
N ALA A 208 3.44 3.48 -1.01
CA ALA A 208 4.70 3.95 -1.60
C ALA A 208 4.56 5.41 -2.03
N THR A 209 3.34 5.89 -1.97
CA THR A 209 2.93 7.04 -2.75
C THR A 209 2.34 8.11 -1.78
N TRP A 210 1.07 8.03 -1.41
CA TRP A 210 0.52 8.90 -0.39
C TRP A 210 0.71 8.47 1.09
N GLY A 211 1.34 7.34 1.35
CA GLY A 211 1.56 6.86 2.71
C GLY A 211 0.35 6.24 3.42
N ILE A 212 -0.75 5.98 2.72
CA ILE A 212 -1.91 5.29 3.35
C ILE A 212 -2.26 4.00 2.57
N TYR A 213 -3.24 3.26 3.07
CA TYR A 213 -3.68 1.99 2.47
C TYR A 213 -4.86 2.36 1.60
N ASP A 214 -5.40 1.40 0.85
CA ASP A 214 -6.47 1.69 -0.10
C ASP A 214 -7.85 1.73 0.55
N LYS A 215 -8.08 2.79 1.31
CA LYS A 215 -9.28 2.91 2.09
C LYS A 215 -10.52 3.04 1.19
N ASP A 216 -11.58 2.31 1.56
CA ASP A 216 -12.85 2.39 0.85
C ASP A 216 -12.65 2.05 -0.61
N SER A 217 -11.59 1.28 -0.89
CA SER A 217 -11.31 0.79 -2.24
C SER A 217 -11.27 1.80 -3.37
N VAL A 218 -10.93 3.06 -3.10
CA VAL A 218 -10.96 3.98 -4.24
C VAL A 218 -9.97 3.62 -5.37
N LEU A 219 -8.72 3.32 -5.05
CA LEU A 219 -7.78 2.96 -6.09
C LEU A 219 -8.25 1.69 -6.83
N ARG A 220 -8.71 0.71 -6.06
CA ARG A 220 -9.17 -0.55 -6.66
C ARG A 220 -10.30 -0.40 -7.72
N LYS A 221 -11.34 0.31 -7.37
CA LYS A 221 -12.41 0.60 -8.33
C LYS A 221 -11.85 1.31 -9.57
N ALA A 222 -10.92 2.26 -9.38
CA ALA A 222 -10.34 2.92 -10.56
C ALA A 222 -9.63 1.86 -11.41
N LEU A 223 -8.93 0.95 -10.76
CA LEU A 223 -8.17 -0.05 -11.49
C LEU A 223 -9.15 -0.95 -12.26
N HIS A 224 -10.21 -1.34 -11.57
CA HIS A 224 -11.22 -2.20 -12.16
C HIS A 224 -11.87 -1.52 -13.34
N ASP A 225 -12.29 -0.27 -13.15
CA ASP A 225 -13.01 0.41 -14.22
C ASP A 225 -12.07 0.70 -15.37
N SER A 226 -10.80 0.97 -15.07
CA SER A 226 -9.83 1.20 -16.15
C SER A 226 -9.74 -0.04 -17.04
N LEU A 227 -9.49 -1.19 -16.42
CA LEU A 227 -9.35 -2.45 -17.16
C LEU A 227 -10.58 -2.70 -17.97
N HIS A 228 -11.74 -2.50 -17.36
CA HIS A 228 -12.99 -2.77 -18.07
C HIS A 228 -13.20 -1.79 -19.25
N ASP A 229 -12.92 -0.51 -19.04
CA ASP A 229 -13.25 0.45 -20.09
C ASP A 229 -12.13 0.47 -21.13
N CYS A 230 -11.00 -0.16 -20.83
CA CYS A 230 -9.90 -0.18 -21.79
C CYS A 230 -9.58 -1.64 -22.16
N SER A 231 -10.54 -2.52 -21.95
CA SER A 231 -10.35 -3.97 -22.17
C SER A 231 -9.47 -4.30 -23.40
N HIS A 232 -9.89 -3.93 -24.60
CA HIS A 232 -9.15 -4.29 -25.82
C HIS A 232 -7.67 -3.82 -25.83
N TRP A 233 -7.43 -2.58 -25.40
CA TRP A 233 -6.07 -2.08 -25.23
C TRP A 233 -5.16 -3.03 -24.41
N PHE A 234 -5.57 -3.37 -23.19
CA PHE A 234 -4.75 -4.22 -22.31
C PHE A 234 -4.79 -5.70 -22.75
N TYR A 235 -5.91 -6.12 -23.33
CA TYR A 235 -6.02 -7.49 -23.82
C TYR A 235 -4.90 -7.82 -24.79
N THR A 236 -4.67 -6.95 -25.75
CA THR A 236 -3.61 -7.17 -26.74
C THR A 236 -2.23 -7.22 -26.12
N ARG A 237 -1.96 -6.37 -25.13
CA ARG A 237 -0.63 -6.39 -24.51
C ARG A 237 -0.45 -7.67 -23.70
N TRP A 238 -1.53 -8.13 -23.09
CA TRP A 238 -1.51 -9.32 -22.27
C TRP A 238 -1.22 -10.55 -23.13
N LYS A 239 -1.91 -10.64 -24.26
CA LYS A 239 -1.78 -11.77 -25.15
C LYS A 239 -0.30 -11.98 -25.53
N ASP A 240 0.36 -10.90 -25.93
CA ASP A 240 1.78 -10.96 -26.23
C ASP A 240 2.63 -11.27 -25.00
N TRP A 241 2.21 -10.82 -23.82
CA TRP A 241 2.98 -11.07 -22.62
C TRP A 241 2.97 -12.57 -22.33
N GLU A 242 1.79 -13.17 -22.47
CA GLU A 242 1.59 -14.61 -22.29
C GLU A 242 2.44 -15.39 -23.28
N SER A 243 2.47 -14.96 -24.53
CA SER A 243 3.26 -15.63 -25.54
C SER A 243 4.74 -15.41 -25.28
N TRP A 244 5.07 -14.21 -24.83
CA TRP A 244 6.43 -13.93 -24.39
C TRP A 244 6.93 -15.11 -23.58
N TYR A 245 6.22 -15.42 -22.49
CA TYR A 245 6.67 -16.46 -21.58
C TYR A 245 6.94 -17.79 -22.30
N SER A 246 5.88 -18.46 -22.72
CA SER A 246 6.04 -19.77 -23.33
C SER A 246 7.12 -19.74 -24.43
N GLN A 247 7.40 -18.53 -24.93
CA GLN A 247 8.41 -18.34 -25.97
C GLN A 247 9.78 -18.68 -25.39
N SER A 248 9.90 -18.46 -24.08
CA SER A 248 11.16 -18.57 -23.39
C SER A 248 11.62 -20.01 -23.12
N PHE A 249 10.68 -20.95 -23.14
CA PHE A 249 11.02 -22.35 -22.91
C PHE A 249 11.32 -23.01 -24.25
N GLY A 250 11.18 -22.25 -25.31
CA GLY A 250 11.47 -22.74 -26.65
C GLY A 250 10.29 -23.53 -27.18
N LEU A 251 9.17 -23.43 -26.47
CA LEU A 251 7.98 -24.19 -26.82
C LEU A 251 7.05 -23.42 -27.77
N HIS A 252 6.63 -24.10 -28.84
CA HIS A 252 5.75 -23.53 -29.84
C HIS A 252 4.31 -23.89 -29.52
N PHE A 253 3.55 -22.95 -28.95
CA PHE A 253 2.16 -23.22 -28.62
C PHE A 253 1.22 -22.36 -29.46
N SER A 254 -0.07 -22.40 -29.11
CA SER A 254 -1.08 -21.63 -29.84
C SER A 254 -2.41 -21.68 -29.09
N LEU A 255 -3.17 -20.61 -29.18
CA LEU A 255 -4.54 -20.64 -28.71
C LEU A 255 -5.51 -20.08 -29.74
N ARG A 256 -6.75 -20.55 -29.66
CA ARG A 256 -7.82 -20.03 -30.50
C ARG A 256 -8.33 -18.69 -29.95
N GLU A 257 -8.40 -17.68 -30.81
CA GLU A 257 -8.90 -16.38 -30.40
C GLU A 257 -10.10 -16.55 -29.49
N GLU A 258 -11.00 -17.43 -29.90
CA GLU A 258 -12.13 -17.78 -29.05
C GLU A 258 -11.70 -18.10 -27.62
N GLN A 259 -10.49 -18.63 -27.46
CA GLN A 259 -10.04 -19.02 -26.12
C GLN A 259 -9.19 -17.97 -25.39
N TRP A 260 -8.56 -17.09 -26.12
CA TRP A 260 -7.88 -15.98 -25.46
C TRP A 260 -8.97 -15.17 -24.78
N GLN A 261 -10.12 -15.07 -25.45
CA GLN A 261 -11.31 -14.44 -24.89
C GLN A 261 -11.67 -14.78 -23.43
N GLU A 262 -11.93 -16.05 -23.15
CA GLU A 262 -12.36 -16.45 -21.82
C GLU A 262 -11.24 -16.21 -20.80
N ASP A 263 -10.03 -16.64 -21.14
CA ASP A 263 -8.91 -16.37 -20.27
C ASP A 263 -8.81 -14.86 -19.96
N TRP A 264 -9.23 -14.01 -20.89
CA TRP A 264 -9.24 -12.55 -20.65
C TRP A 264 -10.42 -12.16 -19.75
N ALA A 265 -11.63 -12.59 -20.09
CA ALA A 265 -12.74 -12.28 -19.21
C ALA A 265 -12.46 -12.49 -17.70
N PHE A 266 -11.74 -13.58 -17.35
CA PHE A 266 -11.47 -13.89 -15.95
C PHE A 266 -10.56 -12.86 -15.24
N ILE A 267 -9.33 -12.74 -15.71
CA ILE A 267 -8.49 -11.76 -15.07
C ILE A 267 -9.24 -10.41 -14.99
N LEU A 268 -10.24 -10.21 -15.86
CA LEU A 268 -11.03 -8.98 -15.83
C LEU A 268 -11.89 -8.90 -14.56
N SER A 269 -12.42 -10.07 -14.15
CA SER A 269 -13.18 -10.17 -12.92
C SER A 269 -12.30 -9.93 -11.66
N LEU A 270 -11.03 -10.31 -11.75
CA LEU A 270 -10.11 -10.23 -10.61
C LEU A 270 -10.26 -8.91 -9.84
N ALA A 271 -10.25 -7.78 -10.56
CA ALA A 271 -10.29 -6.43 -9.96
C ALA A 271 -11.63 -6.11 -9.26
N SER A 272 -12.68 -6.85 -9.63
CA SER A 272 -14.03 -6.68 -9.08
C SER A 272 -14.28 -7.56 -7.86
N GLN A 273 -13.86 -8.82 -7.97
CA GLN A 273 -13.89 -9.76 -6.85
C GLN A 273 -12.93 -9.31 -5.76
N PRO A 274 -13.47 -8.82 -4.64
CA PRO A 274 -12.56 -8.17 -3.68
C PRO A 274 -11.58 -9.15 -3.02
N GLY A 275 -10.36 -8.70 -2.80
CA GLY A 275 -9.36 -9.47 -2.07
C GLY A 275 -8.83 -10.70 -2.80
N ALA A 276 -9.21 -10.86 -4.07
CA ALA A 276 -8.60 -11.86 -4.94
C ALA A 276 -7.17 -11.43 -5.28
N SER A 277 -6.43 -12.27 -5.98
CA SER A 277 -5.03 -11.94 -6.21
C SER A 277 -4.86 -11.24 -7.54
N LEU A 278 -4.03 -10.23 -7.55
CA LEU A 278 -3.85 -9.50 -8.79
C LEU A 278 -2.49 -9.82 -9.40
N GLU A 279 -2.40 -9.77 -10.72
CA GLU A 279 -1.19 -10.18 -11.40
C GLU A 279 -0.52 -9.05 -12.19
N GLN A 280 0.35 -9.39 -13.10
CA GLN A 280 1.15 -8.34 -13.67
C GLN A 280 0.37 -7.36 -14.59
N THR A 281 -0.69 -7.83 -15.24
CA THR A 281 -1.53 -6.92 -16.01
C THR A 281 -2.04 -5.77 -15.10
N HIS A 282 -2.40 -6.09 -13.87
CA HIS A 282 -2.87 -5.12 -12.90
C HIS A 282 -1.77 -4.14 -12.49
N ILE A 283 -0.54 -4.60 -12.39
CA ILE A 283 0.57 -3.70 -12.10
C ILE A 283 0.73 -2.75 -13.25
N PHE A 284 0.63 -3.28 -14.47
CA PHE A 284 0.76 -2.50 -15.72
C PHE A 284 -0.27 -1.37 -15.75
N VAL A 285 -1.53 -1.71 -15.50
CA VAL A 285 -2.59 -0.70 -15.49
C VAL A 285 -2.36 0.37 -14.40
N LEU A 286 -1.83 -0.05 -13.24
CA LEU A 286 -1.61 0.83 -12.11
C LEU A 286 -0.54 1.86 -12.46
N ALA A 287 0.48 1.43 -13.20
CA ALA A 287 1.49 2.34 -13.70
C ALA A 287 0.86 3.40 -14.61
N HIS A 288 -0.17 3.02 -15.37
CA HIS A 288 -0.83 4.03 -16.15
C HIS A 288 -1.60 4.96 -15.20
N ILE A 289 -2.26 4.43 -14.20
CA ILE A 289 -3.08 5.29 -13.34
C ILE A 289 -2.21 6.31 -12.57
N LEU A 290 -1.02 5.90 -12.14
CA LEU A 290 -0.08 6.79 -11.45
C LEU A 290 0.72 7.66 -12.40
N ARG A 291 0.61 7.37 -13.70
CA ARG A 291 1.43 8.07 -14.69
C ARG A 291 2.93 8.06 -14.36
N ARG A 292 3.41 6.94 -13.82
CA ARG A 292 4.84 6.78 -13.54
C ARG A 292 5.24 5.29 -13.60
N PRO A 293 6.54 5.02 -13.75
CA PRO A 293 6.95 3.61 -13.76
C PRO A 293 6.87 2.93 -12.37
N ILE A 294 6.73 1.61 -12.41
CA ILE A 294 6.71 0.81 -11.20
C ILE A 294 7.78 -0.24 -11.42
N ILE A 295 8.74 -0.27 -10.53
CA ILE A 295 9.75 -1.30 -10.54
C ILE A 295 9.42 -2.34 -9.46
N VAL A 296 9.38 -3.61 -9.84
CA VAL A 296 9.13 -4.71 -8.89
C VAL A 296 10.41 -5.55 -8.73
N TYR A 297 10.84 -5.76 -7.48
CA TYR A 297 11.97 -6.63 -7.18
C TYR A 297 11.33 -7.84 -6.49
N GLY A 298 11.67 -9.04 -6.93
CA GLY A 298 11.12 -10.27 -6.34
C GLY A 298 12.11 -11.41 -6.50
N VAL A 299 11.88 -12.55 -5.86
CA VAL A 299 12.84 -13.64 -6.01
C VAL A 299 13.11 -14.02 -7.49
N LYS A 300 14.28 -14.57 -7.78
CA LYS A 300 14.62 -14.98 -9.14
C LYS A 300 13.92 -16.28 -9.58
N TYR A 301 13.46 -17.06 -8.59
CA TYR A 301 12.77 -18.34 -8.82
C TYR A 301 12.37 -19.05 -7.49
N TYR A 302 11.13 -18.79 -7.05
CA TYR A 302 10.62 -19.23 -5.74
C TYR A 302 9.66 -20.45 -5.72
N LYS A 303 10.02 -21.45 -4.90
CA LYS A 303 9.15 -22.54 -4.47
C LYS A 303 9.98 -23.75 -4.00
N THR A 309 13.65 -25.22 -5.45
CA THR A 309 12.86 -24.34 -6.30
C THR A 309 11.83 -25.17 -7.03
N LEU A 310 10.58 -25.02 -6.64
CA LEU A 310 9.47 -25.73 -7.27
C LEU A 310 8.96 -24.89 -8.41
N GLY A 311 9.34 -23.62 -8.43
CA GLY A 311 8.83 -22.69 -9.43
C GLY A 311 9.69 -21.48 -9.79
N TYR A 312 9.60 -21.09 -11.05
CA TYR A 312 10.23 -19.88 -11.54
C TYR A 312 9.19 -18.75 -11.37
N THR A 313 9.67 -17.52 -11.18
CA THR A 313 8.83 -16.31 -11.07
C THR A 313 9.03 -15.32 -12.22
N ARG A 314 7.97 -14.56 -12.50
CA ARG A 314 7.93 -13.62 -13.59
C ARG A 314 7.35 -12.25 -13.16
N PHE A 315 7.38 -11.95 -11.86
CA PHE A 315 6.91 -10.65 -11.40
C PHE A 315 8.01 -9.56 -11.43
N GLN A 316 9.25 -9.92 -11.11
CA GLN A 316 10.35 -8.94 -11.09
C GLN A 316 10.43 -8.18 -12.41
N GLY A 317 10.61 -6.86 -12.31
CA GLY A 317 10.91 -6.09 -13.50
C GLY A 317 10.27 -4.71 -13.52
N VAL A 318 10.26 -4.11 -14.71
CA VAL A 318 9.84 -2.74 -14.86
C VAL A 318 8.54 -2.66 -15.63
N TYR A 319 7.58 -1.94 -15.05
CA TYR A 319 6.24 -1.72 -15.60
C TYR A 319 6.10 -0.24 -15.99
N LEU A 320 6.20 0.02 -17.29
CA LEU A 320 6.09 1.35 -17.85
C LEU A 320 4.68 1.64 -18.31
N PRO A 321 4.22 2.88 -18.13
CA PRO A 321 2.87 3.27 -18.56
C PRO A 321 2.91 3.56 -20.04
N LEU A 322 3.22 2.51 -20.82
CA LEU A 322 3.48 2.62 -22.25
C LEU A 322 2.35 3.17 -23.11
N LEU A 323 1.11 3.10 -22.64
CA LEU A 323 -0.01 3.52 -23.48
C LEU A 323 -0.27 5.04 -23.47
N TRP A 324 0.39 5.76 -22.57
CA TRP A 324 0.29 7.21 -22.56
C TRP A 324 1.43 7.74 -23.40
N GLU A 325 1.30 8.98 -23.83
CA GLU A 325 2.45 9.74 -24.32
C GLU A 325 3.46 9.89 -23.21
N GLN A 326 4.73 9.79 -23.55
CA GLN A 326 5.79 9.99 -22.55
C GLN A 326 5.66 11.28 -21.79
N SER A 327 5.37 12.35 -22.54
CA SER A 327 5.29 13.68 -21.93
C SER A 327 4.16 13.76 -20.86
N PHE A 328 3.19 12.86 -20.94
CA PHE A 328 2.14 12.76 -19.93
C PHE A 328 2.59 12.13 -18.60
N CYS A 329 3.78 11.54 -18.59
CA CYS A 329 4.18 10.73 -17.45
C CYS A 329 5.39 11.27 -16.71
N TRP A 330 5.40 11.11 -15.38
CA TRP A 330 6.54 11.47 -14.54
C TRP A 330 7.65 10.39 -14.66
N LYS A 331 8.90 10.79 -14.53
CA LYS A 331 10.03 9.89 -14.70
C LYS A 331 10.33 9.14 -13.42
N SER A 332 9.87 9.70 -12.32
CA SER A 332 10.21 9.11 -11.04
C SER A 332 9.37 7.84 -10.69
N PRO A 333 10.03 6.70 -10.49
CA PRO A 333 9.27 5.46 -10.23
C PRO A 333 8.95 5.21 -8.76
N ILE A 334 8.07 4.25 -8.49
CA ILE A 334 8.00 3.63 -7.16
C ILE A 334 8.52 2.20 -7.23
N ALA A 335 8.83 1.63 -6.06
CA ALA A 335 9.41 0.30 -5.99
C ALA A 335 8.55 -0.59 -5.13
N LEU A 336 8.27 -1.79 -5.63
CA LEU A 336 7.48 -2.77 -4.86
C LEU A 336 8.32 -4.00 -4.74
N GLY A 337 8.17 -4.69 -3.61
CA GLY A 337 8.82 -5.96 -3.40
C GLY A 337 7.76 -7.06 -3.46
N TYR A 338 8.17 -8.22 -3.99
CA TYR A 338 7.27 -9.35 -4.17
C TYR A 338 7.84 -10.60 -3.49
N THR A 339 7.11 -11.08 -2.49
CA THR A 339 7.39 -12.39 -1.89
C THR A 339 6.14 -13.25 -1.90
N ARG A 340 6.31 -14.55 -2.13
CA ARG A 340 5.22 -15.52 -2.00
C ARG A 340 3.78 -14.97 -2.10
N GLY A 341 3.32 -14.67 -3.30
CA GLY A 341 1.99 -14.08 -3.43
C GLY A 341 1.71 -12.78 -2.64
N HIS A 342 2.76 -12.04 -2.28
CA HIS A 342 2.56 -10.82 -1.49
C HIS A 342 3.38 -9.58 -1.93
N PHE A 343 2.68 -8.47 -2.17
CA PHE A 343 3.36 -7.20 -2.46
C PHE A 343 3.66 -6.32 -1.25
N SER A 344 4.84 -5.67 -1.24
CA SER A 344 5.20 -4.67 -0.24
C SER A 344 5.76 -3.39 -0.88
N ALA A 345 5.36 -2.23 -0.38
CA ALA A 345 6.05 -0.99 -0.73
C ALA A 345 7.52 -1.01 -0.30
N LEU A 346 8.41 -0.66 -1.22
CA LEU A 346 9.83 -0.54 -0.86
C LEU A 346 10.20 0.94 -0.95
N VAL A 347 10.55 1.55 0.19
CA VAL A 347 10.81 2.99 0.25
C VAL A 347 12.17 3.29 0.87
N ALA A 348 12.72 4.44 0.53
CA ALA A 348 14.02 4.80 1.06
C ALA A 348 13.84 5.82 2.16
N MET A 349 14.92 6.04 2.90
CA MET A 349 14.99 7.10 3.87
C MET A 349 15.48 8.39 3.23
N GLU A 350 14.90 9.49 3.66
CA GLU A 350 15.28 10.79 3.13
C GLU A 350 16.78 11.13 3.43
N ASN A 351 17.46 11.79 2.50
CA ASN A 351 18.82 12.28 2.78
C ASN A 351 18.86 13.23 4.02
N ASP A 352 19.76 12.93 4.96
CA ASP A 352 19.88 13.64 6.22
C ASP A 352 20.91 14.77 6.20
N ASP A 368 16.09 20.19 1.10
CA ASP A 368 16.76 19.90 -0.15
C ASP A 368 16.19 18.67 -0.87
N VAL A 369 16.95 18.15 -1.83
CA VAL A 369 16.47 17.05 -2.66
C VAL A 369 17.03 15.70 -2.21
N THR A 370 16.16 14.71 -2.07
CA THR A 370 16.66 13.36 -1.84
C THR A 370 16.67 12.60 -3.19
N ILE A 371 17.83 12.04 -3.53
CA ILE A 371 17.89 11.16 -4.68
C ILE A 371 18.07 9.69 -4.28
N THR A 372 17.08 8.89 -4.60
CA THR A 372 17.16 7.48 -4.33
C THR A 372 17.55 6.68 -5.60
N PHE A 373 18.56 5.84 -5.51
CA PHE A 373 19.04 5.19 -6.72
C PHE A 373 18.52 3.76 -6.72
N LEU A 374 17.64 3.46 -7.66
CA LEU A 374 17.05 2.15 -7.75
C LEU A 374 17.67 1.38 -8.93
N PRO A 375 18.20 0.18 -8.65
CA PRO A 375 18.90 -0.58 -9.72
C PRO A 375 17.94 -1.03 -10.82
N LEU A 376 18.41 -0.98 -12.06
CA LEU A 376 17.64 -1.51 -13.19
C LEU A 376 18.24 -2.84 -13.61
N VAL A 377 19.11 -3.38 -12.77
CA VAL A 377 19.74 -4.71 -12.98
C VAL A 377 19.61 -5.58 -11.72
N ASP A 378 19.75 -6.90 -11.85
CA ASP A 378 19.78 -7.73 -10.65
C ASP A 378 21.19 -7.78 -10.06
N SER A 379 21.35 -8.45 -8.93
CA SER A 379 22.64 -8.57 -8.25
C SER A 379 23.75 -9.21 -9.13
N GLU A 380 23.33 -9.90 -10.18
CA GLU A 380 24.30 -10.43 -11.13
C GLU A 380 24.49 -9.45 -12.28
N ARG A 381 23.97 -8.24 -12.12
CA ARG A 381 24.17 -7.18 -13.13
C ARG A 381 23.43 -7.42 -14.47
N LYS A 382 22.44 -8.30 -14.47
CA LYS A 382 21.61 -8.48 -15.67
C LYS A 382 20.40 -7.52 -15.71
N LEU A 383 20.19 -6.87 -16.84
CA LEU A 383 19.05 -5.98 -17.03
C LEU A 383 17.72 -6.61 -16.55
N LEU A 384 16.95 -5.87 -15.77
CA LEU A 384 15.61 -6.31 -15.42
C LEU A 384 14.71 -6.34 -16.66
N HIS A 385 13.73 -7.23 -16.66
CA HIS A 385 12.75 -7.37 -17.78
C HIS A 385 11.78 -6.17 -17.89
N VAL A 386 11.52 -5.70 -19.09
CA VAL A 386 10.47 -4.72 -19.31
C VAL A 386 9.20 -5.39 -19.84
N HIS A 387 8.12 -5.35 -19.07
CA HIS A 387 6.91 -6.13 -19.34
C HIS A 387 5.96 -5.48 -20.37
N PHE A 388 5.19 -6.34 -21.04
CA PHE A 388 4.10 -5.86 -21.89
C PHE A 388 4.61 -5.07 -23.08
N LEU A 389 5.85 -5.32 -23.44
CA LEU A 389 6.42 -4.74 -24.63
C LEU A 389 5.78 -5.39 -25.84
N SER A 390 5.29 -4.59 -26.78
CA SER A 390 4.89 -5.12 -28.07
C SER A 390 6.13 -5.52 -28.87
N ALA A 391 6.08 -6.70 -29.50
CA ALA A 391 7.20 -7.24 -30.31
C ALA A 391 7.93 -6.18 -31.15
N GLN A 392 7.19 -5.16 -31.55
CA GLN A 392 7.76 -3.99 -32.21
C GLN A 392 8.63 -3.19 -31.26
N GLU A 393 8.74 -3.63 -30.02
CA GLU A 393 9.55 -2.92 -29.05
C GLU A 393 10.69 -3.76 -28.45
N LEU A 394 10.60 -5.09 -28.59
CA LEU A 394 11.67 -5.98 -28.15
C LEU A 394 12.98 -5.60 -28.84
N GLY A 395 14.11 -6.18 -28.39
CA GLY A 395 15.37 -5.89 -29.04
C GLY A 395 16.56 -6.16 -28.16
N ASN A 396 17.74 -5.78 -28.62
CA ASN A 396 18.98 -6.03 -27.88
C ASN A 396 18.92 -5.49 -26.45
N GLU A 397 19.96 -5.79 -25.66
CA GLU A 397 20.09 -5.22 -24.33
C GLU A 397 20.40 -3.75 -24.55
N GLU A 398 21.12 -3.46 -25.64
CA GLU A 398 21.41 -2.08 -26.01
C GLU A 398 20.12 -1.28 -26.17
N GLN A 399 19.12 -1.94 -26.76
CA GLN A 399 17.90 -1.26 -27.17
C GLN A 399 16.90 -1.11 -26.03
N GLN A 400 16.78 -2.17 -25.24
CA GLN A 400 16.01 -2.16 -24.01
C GLN A 400 16.47 -1.02 -23.09
N GLU A 401 17.77 -0.97 -22.84
CA GLU A 401 18.31 0.08 -22.03
C GLU A 401 17.93 1.44 -22.62
N LYS A 402 17.94 1.58 -23.94
CA LYS A 402 17.61 2.87 -24.57
C LYS A 402 16.17 3.26 -24.23
N LEU A 403 15.26 2.29 -24.33
CA LEU A 403 13.88 2.47 -23.92
C LEU A 403 13.77 2.91 -22.45
N LEU A 404 14.53 2.26 -21.58
CA LEU A 404 14.42 2.56 -20.18
C LEU A 404 14.84 3.98 -19.94
N ARG A 405 15.82 4.42 -20.73
CA ARG A 405 16.33 5.78 -20.61
C ARG A 405 15.36 6.83 -21.13
N GLU A 406 14.43 6.44 -21.98
CA GLU A 406 13.41 7.40 -22.39
C GLU A 406 12.39 7.61 -21.25
N TRP A 407 12.10 6.55 -20.53
CA TRP A 407 10.98 6.60 -19.62
C TRP A 407 11.40 6.86 -18.19
N LEU A 408 12.69 6.69 -17.90
CA LEU A 408 13.21 6.94 -16.55
C LEU A 408 14.40 7.91 -16.61
N ASP A 409 14.80 8.43 -15.46
CA ASP A 409 15.93 9.33 -15.38
C ASP A 409 17.09 8.50 -14.84
N CYS A 410 17.93 8.00 -15.75
CA CYS A 410 18.91 6.98 -15.39
C CYS A 410 20.32 7.51 -15.34
N CYS A 411 21.18 6.81 -14.62
CA CYS A 411 22.61 7.04 -14.75
C CYS A 411 23.33 5.76 -14.39
N VAL A 412 24.65 5.77 -14.55
CA VAL A 412 25.46 4.60 -14.20
C VAL A 412 26.37 4.98 -13.05
N THR A 413 26.33 4.22 -11.96
CA THR A 413 27.19 4.53 -10.81
C THR A 413 28.66 4.39 -11.16
N GLU A 414 29.48 4.89 -10.25
CA GLU A 414 30.92 4.75 -10.34
C GLU A 414 31.26 3.28 -10.43
N GLY A 415 30.52 2.46 -9.67
CA GLY A 415 30.77 1.03 -9.62
C GLY A 415 30.21 0.29 -10.82
N GLY A 416 29.46 0.99 -11.66
CA GLY A 416 29.00 0.36 -12.89
C GLY A 416 27.55 -0.09 -12.93
N VAL A 417 26.79 0.21 -11.88
CA VAL A 417 25.37 -0.20 -11.84
C VAL A 417 24.46 0.79 -12.55
N LEU A 418 23.67 0.28 -13.49
CA LEU A 418 22.62 1.06 -14.12
C LEU A 418 21.49 1.25 -13.12
N VAL A 419 21.12 2.52 -12.85
CA VAL A 419 20.08 2.83 -11.90
C VAL A 419 19.10 3.87 -12.44
N ALA A 420 17.88 3.81 -11.92
CA ALA A 420 16.88 4.85 -12.12
C ALA A 420 16.86 5.70 -10.86
N MET A 421 16.66 7.00 -11.03
CA MET A 421 16.66 7.90 -9.91
C MET A 421 15.24 8.26 -9.50
N GLN A 422 14.98 8.16 -8.22
CA GLN A 422 13.73 8.62 -7.65
C GLN A 422 14.03 9.85 -6.81
N LYS A 423 13.60 10.99 -7.32
CA LYS A 423 13.94 12.26 -6.74
C LYS A 423 12.74 12.82 -6.02
N SER A 424 12.93 13.22 -4.77
CA SER A 424 11.86 13.92 -4.07
C SER A 424 12.36 15.17 -3.35
N SER A 425 11.45 16.09 -3.09
CA SER A 425 11.77 17.34 -2.40
C SER A 425 10.89 17.58 -1.19
N ARG A 426 11.52 17.98 -0.07
CA ARG A 426 10.79 18.43 1.10
C ARG A 426 9.73 19.47 0.66
N ARG A 427 10.20 20.45 -0.11
CA ARG A 427 9.37 21.53 -0.65
C ARG A 427 8.09 21.06 -1.32
N ARG A 428 8.17 19.97 -2.09
CA ARG A 428 7.05 19.53 -2.91
C ARG A 428 6.16 18.49 -2.25
N ASN A 429 6.49 18.10 -1.01
CA ASN A 429 5.71 17.06 -0.29
C ASN A 429 4.26 17.51 -0.11
N HIS A 430 3.33 16.58 -0.19
CA HIS A 430 1.94 16.94 0.03
C HIS A 430 1.65 17.28 1.53
N PRO A 431 0.99 18.43 1.79
CA PRO A 431 0.80 18.90 3.18
C PRO A 431 0.06 17.95 4.11
N LEU A 432 -0.96 17.25 3.64
CA LEU A 432 -1.68 16.34 4.52
C LEU A 432 -0.77 15.14 4.87
N VAL A 433 0.05 14.72 3.91
CA VAL A 433 0.98 13.64 4.14
C VAL A 433 2.03 14.03 5.17
N THR A 434 2.57 15.24 5.02
CA THR A 434 3.50 15.80 5.96
C THR A 434 2.91 15.82 7.35
N GLN A 435 1.68 16.31 7.50
CA GLN A 435 1.02 16.38 8.81
CA GLN A 435 1.02 16.39 8.80
C GLN A 435 0.88 14.98 9.42
N MET A 436 0.50 14.01 8.59
CA MET A 436 0.32 12.62 9.06
C MET A 436 1.65 12.03 9.56
N VAL A 437 2.70 12.21 8.75
CA VAL A 437 4.02 11.74 9.11
C VAL A 437 4.55 12.45 10.37
N GLU A 438 4.23 13.74 10.55
CA GLU A 438 4.69 14.44 11.75
C GLU A 438 3.98 13.85 13.00
N LYS A 439 2.68 13.59 12.87
CA LYS A 439 1.90 13.01 13.98
C LYS A 439 2.31 11.57 14.29
N TRP A 440 2.72 10.85 13.27
CA TRP A 440 3.22 9.52 13.48
C TRP A 440 4.57 9.63 14.23
N LEU A 441 5.46 10.51 13.77
CA LEU A 441 6.69 10.73 14.52
C LEU A 441 6.49 11.20 15.96
N ASP A 442 5.45 12.00 16.22
CA ASP A 442 5.23 12.53 17.56
C ASP A 442 5.10 11.36 18.54
N ARG A 443 4.50 10.26 18.06
CA ARG A 443 4.28 9.15 18.97
C ARG A 443 5.64 8.60 19.47
N TYR A 444 6.67 8.62 18.62
CA TYR A 444 8.00 8.12 19.02
C TYR A 444 8.84 9.17 19.76
N ARG A 445 8.71 10.42 19.34
CA ARG A 445 9.47 11.52 19.93
C ARG A 445 9.13 11.74 21.38
N GLN A 446 7.93 11.34 21.79
CA GLN A 446 7.45 11.65 23.14
C GLN A 446 7.74 10.49 24.09
N ILE A 447 8.42 9.46 23.57
CA ILE A 447 8.79 8.29 24.38
C ILE A 447 10.01 8.51 25.25
N ARG A 448 9.81 8.37 26.55
CA ARG A 448 10.94 8.29 27.47
C ARG A 448 10.94 6.92 28.15
N PRO A 449 12.11 6.26 28.19
CA PRO A 449 13.33 6.76 27.54
C PRO A 449 13.46 6.31 26.09
C1 EDO B . -22.15 13.56 17.47
O1 EDO B . -21.93 12.13 17.47
C2 EDO B . -20.88 14.33 17.86
O2 EDO B . -21.04 14.85 19.18
C1 EDO C . 5.96 -8.58 11.79
O1 EDO C . 5.11 -8.68 10.63
C2 EDO C . 7.41 -8.74 11.35
O2 EDO C . 8.02 -7.45 11.31
CL CL D . -11.56 -8.30 -25.71
#